data_3OM0
#
_entry.id   3OM0
#
_cell.length_a   66.314
_cell.length_b   101.987
_cell.length_c   116.225
_cell.angle_alpha   90.00
_cell.angle_beta   90.00
_cell.angle_gamma   90.00
#
_symmetry.space_group_name_H-M   'C 2 2 21'
#
loop_
_entity.id
_entity.type
_entity.pdbx_description
1 polymer 'Glutamate receptor, ionotropic kainate 5'
2 branched beta-D-mannopyranose-(1-4)-2-acetamido-2-deoxy-beta-D-glucopyranose-(1-4)-2-acetamido-2-deoxy-beta-D-glucopyranose
3 non-polymer 2-acetamido-2-deoxy-beta-D-glucopyranose
4 non-polymer GLYCEROL
5 non-polymer 'ACETATE ION'
6 water water
#
_entity_poly.entity_id   1
_entity_poly.type   'polypeptide(L)'
_entity_poly.pdbx_seq_one_letter_code
;VLSSLRMAAILDDQTVCGRGERLALALAREQINGIIEVPAKARVEVDIFELQRDSQYETTDTMCQILPKGVVSVLGPSSS
PASASTVSHICGEKEIPHIKVGPEETPRLQYLRFASVSLYPSNEDVSLAVSRILKSFNYPSASLICAKAECLLRLEELVR
GFLISKETLSVRMLDDSRDPTPLLKEIRDDKVSTIIIDANASISHLVLRKASELGMTSAFYKYILTTMDFPILHLDGIVE
DSSNILGFSMFNTSHPFYPEFVRSLNMSWRENCEASTYPGPALSAALMFDAVHVVVSAVRELNRSQEIGVKPLACTSANI
WPHGTSLMNYLRMVEYDGLTGRVEFNSKGQRTNYTLRILEKSRQGHREIGVWYSNRTLAMNATTLDILELVPR
;
_entity_poly.pdbx_strand_id   A
#
loop_
_chem_comp.id
_chem_comp.type
_chem_comp.name
_chem_comp.formula
ACT non-polymer 'ACETATE ION' 'C2 H3 O2 -1'
BMA D-saccharide, beta linking beta-D-mannopyranose 'C6 H12 O6'
GOL non-polymer GLYCEROL 'C3 H8 O3'
NAG D-saccharide, beta linking 2-acetamido-2-deoxy-beta-D-glucopyranose 'C8 H15 N O6'
#
# COMPACT_ATOMS: atom_id res chain seq x y z
N LEU A 2 13.03 -27.40 6.17
CA LEU A 2 12.38 -26.47 7.09
C LEU A 2 11.38 -27.16 8.00
N SER A 3 11.60 -27.06 9.30
CA SER A 3 10.63 -27.55 10.27
C SER A 3 9.51 -26.53 10.36
N SER A 4 9.87 -25.26 10.23
CA SER A 4 8.87 -24.19 10.11
C SER A 4 9.22 -23.23 8.99
N LEU A 5 8.16 -22.62 8.47
CA LEU A 5 8.27 -21.63 7.41
C LEU A 5 8.12 -20.28 8.11
N ARG A 6 9.24 -19.59 8.32
CA ARG A 6 9.26 -18.40 9.15
C ARG A 6 9.56 -17.19 8.30
N MET A 7 8.75 -16.15 8.48
CA MET A 7 9.02 -14.85 7.91
C MET A 7 8.98 -13.81 9.00
N ALA A 8 9.55 -12.66 8.72
CA ALA A 8 9.49 -11.51 9.60
C ALA A 8 8.62 -10.42 9.04
N ALA A 9 7.98 -9.65 9.90
CA ALA A 9 7.19 -8.52 9.48
C ALA A 9 7.59 -7.36 10.32
N ILE A 10 7.73 -6.18 9.72
CA ILE A 10 8.14 -4.98 10.43
C ILE A 10 6.98 -4.01 10.44
N LEU A 11 6.59 -3.59 11.62
CA LEU A 11 5.45 -2.69 11.80
C LEU A 11 5.90 -1.31 12.21
N ASP A 12 5.29 -0.27 11.68
N ASP A 12 5.19 -0.26 11.76
CA ASP A 12 5.54 1.04 12.18
CA ASP A 12 5.55 1.15 12.03
C ASP A 12 4.17 1.68 12.26
C ASP A 12 4.37 2.08 12.41
N ASP A 13 3.64 1.76 13.46
CA ASP A 13 2.29 2.27 13.62
C ASP A 13 2.16 3.12 14.87
N GLN A 14 2.05 4.42 14.67
CA GLN A 14 1.99 5.35 15.78
C GLN A 14 0.60 5.98 15.88
N THR A 15 -0.39 5.36 15.26
CA THR A 15 -1.77 5.87 15.32
C THR A 15 -2.40 5.59 16.68
N VAL A 16 -3.35 6.41 17.08
CA VAL A 16 -4.03 6.20 18.35
C VAL A 16 -4.71 4.83 18.39
N CYS A 17 -5.44 4.49 17.33
CA CYS A 17 -6.26 3.30 17.38
C CYS A 17 -5.60 2.06 16.77
N GLY A 18 -4.49 2.27 16.07
CA GLY A 18 -3.83 1.20 15.31
C GLY A 18 -4.48 0.86 13.98
N ARG A 19 -3.69 0.36 13.04
CA ARG A 19 -4.21 -0.10 11.75
C ARG A 19 -4.47 -1.60 11.77
N GLY A 20 -4.10 -2.29 12.82
CA GLY A 20 -4.44 -3.70 12.93
C GLY A 20 -3.56 -4.63 12.13
N GLU A 21 -2.36 -4.19 11.78
CA GLU A 21 -1.48 -5.05 11.00
C GLU A 21 -1.02 -6.29 11.79
N ARG A 22 -0.74 -6.12 13.06
CA ARG A 22 -0.32 -7.26 13.86
C ARG A 22 -1.39 -8.33 13.89
N LEU A 23 -2.64 -7.95 14.12
CA LEU A 23 -3.71 -8.95 14.12
C LEU A 23 -3.90 -9.57 12.72
N ALA A 24 -3.78 -8.75 11.70
CA ALA A 24 -3.95 -9.23 10.35
C ALA A 24 -2.96 -10.34 10.04
N LEU A 25 -1.72 -10.14 10.48
CA LEU A 25 -0.67 -11.16 10.30
C LEU A 25 -1.04 -12.44 11.03
N ALA A 26 -1.52 -12.32 12.25
CA ALA A 26 -1.92 -13.50 13.02
C ALA A 26 -3.07 -14.23 12.34
N LEU A 27 -4.02 -13.48 11.79
CA LEU A 27 -5.15 -14.12 11.14
C LEU A 27 -4.70 -14.90 9.93
N ALA A 28 -3.77 -14.34 9.15
CA ALA A 28 -3.27 -15.10 8.00
C ALA A 28 -2.57 -16.39 8.41
N ARG A 29 -1.70 -16.29 9.41
CA ARG A 29 -0.98 -17.42 9.96
CA ARG A 29 -1.00 -17.44 9.90
C ARG A 29 -2.00 -18.49 10.39
N GLU A 30 -3.01 -18.08 11.13
CA GLU A 30 -4.00 -19.04 11.66
C GLU A 30 -4.76 -19.73 10.56
N GLN A 31 -5.20 -18.96 9.59
CA GLN A 31 -5.95 -19.50 8.47
C GLN A 31 -5.12 -20.51 7.72
N ILE A 32 -3.84 -20.22 7.45
CA ILE A 32 -3.03 -21.10 6.68
C ILE A 32 -2.74 -22.37 7.47
N ASN A 33 -2.42 -22.20 8.74
CA ASN A 33 -2.06 -23.36 9.56
C ASN A 33 -3.28 -24.23 9.86
N GLY A 34 -4.48 -23.71 9.70
CA GLY A 34 -5.68 -24.48 10.03
C GLY A 34 -6.10 -25.44 8.94
N ILE A 35 -5.64 -25.14 7.72
CA ILE A 35 -5.85 -26.00 6.57
C ILE A 35 -4.80 -27.11 6.52
N ILE A 36 -5.17 -28.34 6.86
CA ILE A 36 -4.25 -29.46 6.74
C ILE A 36 -4.21 -29.91 5.28
N GLU A 37 -3.02 -29.80 4.68
CA GLU A 37 -2.84 -30.15 3.27
C GLU A 37 -2.28 -31.57 3.11
N VAL A 38 -2.35 -32.10 1.90
CA VAL A 38 -1.74 -33.39 1.56
C VAL A 38 -0.75 -33.19 0.40
N PRO A 39 0.54 -33.47 0.63
CA PRO A 39 1.13 -33.83 1.93
C PRO A 39 1.07 -32.67 2.94
N ALA A 40 1.22 -33.00 4.21
CA ALA A 40 1.26 -32.00 5.26
C ALA A 40 2.43 -31.07 4.99
N LYS A 41 2.24 -29.79 5.30
CA LYS A 41 3.24 -28.76 5.07
C LYS A 41 3.73 -28.21 6.41
N ALA A 42 4.92 -27.61 6.41
CA ALA A 42 5.50 -27.02 7.60
C ALA A 42 4.63 -25.87 8.11
N ARG A 43 4.63 -25.72 9.43
CA ARG A 43 3.85 -24.68 10.09
C ARG A 43 4.42 -23.31 9.74
N VAL A 44 3.53 -22.35 9.55
CA VAL A 44 3.91 -20.97 9.24
C VAL A 44 4.10 -20.18 10.52
N GLU A 45 5.20 -19.43 10.59
CA GLU A 45 5.46 -18.54 11.74
C GLU A 45 5.75 -17.15 11.21
N VAL A 46 5.30 -16.13 11.92
CA VAL A 46 5.53 -14.73 11.55
C VAL A 46 6.14 -14.03 12.75
N ASP A 47 7.42 -13.69 12.68
CA ASP A 47 8.10 -12.92 13.74
C ASP A 47 7.89 -11.43 13.54
N ILE A 48 7.35 -10.74 14.54
CA ILE A 48 6.93 -9.34 14.40
C ILE A 48 7.87 -8.40 15.13
N PHE A 49 8.31 -7.36 14.45
CA PHE A 49 9.19 -6.33 14.98
C PHE A 49 8.59 -4.98 14.80
N GLU A 50 8.67 -4.13 15.80
CA GLU A 50 8.10 -2.80 15.75
C GLU A 50 9.17 -1.72 15.59
N LEU A 51 8.89 -0.71 14.80
CA LEU A 51 9.66 0.49 14.73
C LEU A 51 8.93 1.57 15.52
N GLN A 52 9.57 2.15 16.53
CA GLN A 52 8.87 3.11 17.40
C GLN A 52 9.45 4.53 17.26
N ARG A 53 10.55 4.65 16.54
CA ARG A 53 11.24 5.92 16.33
C ARG A 53 11.34 6.20 14.84
N ASP A 54 11.99 7.30 14.47
CA ASP A 54 12.02 7.70 13.08
C ASP A 54 13.46 7.65 12.74
N SER A 55 14.01 6.44 12.82
CA SER A 55 15.45 6.31 12.86
C SER A 55 15.94 5.14 12.04
N GLN A 56 16.82 5.41 11.09
CA GLN A 56 17.34 4.31 10.31
C GLN A 56 18.32 3.53 11.13
N TYR A 57 18.85 4.10 12.21
CA TYR A 57 19.64 3.30 13.14
CA TYR A 57 19.64 3.30 13.13
C TYR A 57 18.74 2.22 13.71
N GLU A 58 17.54 2.59 14.10
CA GLU A 58 16.63 1.62 14.67
C GLU A 58 16.28 0.58 13.60
N THR A 59 15.99 1.02 12.36
CA THR A 59 15.57 0.07 11.35
C THR A 59 16.68 -0.93 11.03
N THR A 60 17.92 -0.43 10.95
CA THR A 60 19.07 -1.31 10.69
C THR A 60 19.25 -2.29 11.83
N ASP A 61 19.15 -1.83 13.07
CA ASP A 61 19.28 -2.74 14.19
C ASP A 61 18.20 -3.77 14.18
N THR A 62 16.99 -3.39 13.77
CA THR A 62 15.90 -4.34 13.69
C THR A 62 16.22 -5.41 12.62
N MET A 63 16.77 -5.02 11.48
CA MET A 63 17.17 -6.02 10.50
C MET A 63 18.27 -6.91 11.05
N CYS A 64 19.22 -6.33 11.79
CA CYS A 64 20.26 -7.16 12.38
C CYS A 64 19.72 -8.19 13.38
N GLN A 65 18.60 -7.89 14.00
CA GLN A 65 17.94 -8.83 14.86
C GLN A 65 17.16 -9.88 14.09
N ILE A 66 16.66 -9.52 12.90
CA ILE A 66 15.93 -10.47 12.10
C ILE A 66 16.84 -11.51 11.43
N LEU A 67 17.99 -11.10 10.93
CA LEU A 67 18.79 -12.02 10.11
C LEU A 67 19.15 -13.35 10.79
N PRO A 68 19.49 -13.33 12.09
CA PRO A 68 19.81 -14.61 12.74
C PRO A 68 18.64 -15.55 12.93
N LYS A 69 17.41 -15.12 12.72
CA LYS A 69 16.25 -15.93 13.01
C LYS A 69 15.88 -16.92 11.93
N GLY A 70 16.50 -16.86 10.76
CA GLY A 70 16.24 -17.84 9.72
C GLY A 70 14.90 -17.62 9.03
N VAL A 71 14.80 -16.48 8.35
CA VAL A 71 13.55 -16.13 7.69
C VAL A 71 13.67 -16.29 6.19
N VAL A 72 12.50 -16.52 5.57
CA VAL A 72 12.45 -16.72 4.13
C VAL A 72 11.99 -15.45 3.42
N SER A 73 11.55 -14.43 4.18
CA SER A 73 11.10 -13.14 3.61
C SER A 73 10.97 -12.15 4.75
N VAL A 74 11.01 -10.87 4.41
CA VAL A 74 10.72 -9.79 5.34
C VAL A 74 9.60 -8.94 4.75
N LEU A 75 8.56 -8.65 5.53
CA LEU A 75 7.40 -7.91 5.06
C LEU A 75 7.40 -6.53 5.66
N GLY A 76 7.16 -5.54 4.81
CA GLY A 76 6.98 -4.18 5.34
C GLY A 76 8.26 -3.41 5.62
N PRO A 77 8.15 -2.29 6.32
CA PRO A 77 6.94 -1.71 6.90
C PRO A 77 6.08 -1.06 5.84
N SER A 78 4.81 -0.83 6.16
CA SER A 78 3.85 -0.29 5.22
C SER A 78 3.85 1.20 5.02
N SER A 79 4.29 1.97 6.00
CA SER A 79 3.95 3.41 6.02
C SER A 79 5.14 4.26 6.41
N SER A 80 6.32 3.81 6.02
CA SER A 80 7.55 4.39 6.45
CA SER A 80 7.56 4.43 6.43
C SER A 80 8.54 4.22 5.31
N PRO A 81 8.50 5.09 4.31
CA PRO A 81 9.28 4.86 3.09
C PRO A 81 10.79 4.78 3.31
N ALA A 82 11.35 5.62 4.19
CA ALA A 82 12.79 5.57 4.39
C ALA A 82 13.22 4.23 5.03
N SER A 83 12.43 3.77 5.99
CA SER A 83 12.70 2.50 6.66
C SER A 83 12.53 1.38 5.66
N ALA A 84 11.51 1.44 4.81
CA ALA A 84 11.33 0.37 3.85
C ALA A 84 12.51 0.31 2.88
N SER A 85 13.07 1.46 2.52
CA SER A 85 14.27 1.45 1.67
CA SER A 85 14.29 1.52 1.69
C SER A 85 15.47 0.81 2.34
N THR A 86 15.66 1.06 3.63
CA THR A 86 16.75 0.43 4.41
C THR A 86 16.56 -1.08 4.46
N VAL A 87 15.34 -1.50 4.69
CA VAL A 87 15.01 -2.91 4.67
C VAL A 87 15.29 -3.52 3.32
N SER A 88 14.87 -2.86 2.23
CA SER A 88 15.14 -3.41 0.89
CA SER A 88 15.13 -3.37 0.89
C SER A 88 16.63 -3.56 0.65
N HIS A 89 17.43 -2.58 1.08
CA HIS A 89 18.85 -2.66 0.84
C HIS A 89 19.48 -3.85 1.56
N ILE A 90 19.16 -4.02 2.83
CA ILE A 90 19.76 -5.10 3.62
C ILE A 90 19.24 -6.41 3.08
N CYS A 91 17.96 -6.53 2.79
CA CYS A 91 17.43 -7.75 2.20
C CYS A 91 18.14 -8.06 0.91
N GLY A 92 18.40 -7.07 0.08
CA GLY A 92 19.10 -7.31 -1.17
C GLY A 92 20.51 -7.80 -0.93
N GLU A 93 21.21 -7.29 0.08
CA GLU A 93 22.59 -7.71 0.23
CA GLU A 93 22.59 -7.67 0.35
C GLU A 93 22.64 -9.13 0.80
N LYS A 94 21.63 -9.57 1.55
CA LYS A 94 21.61 -10.92 2.10
C LYS A 94 20.84 -11.90 1.20
N GLU A 95 20.25 -11.40 0.12
CA GLU A 95 19.42 -12.17 -0.79
C GLU A 95 18.26 -12.85 -0.07
N ILE A 96 17.57 -12.06 0.77
CA ILE A 96 16.30 -12.47 1.35
C ILE A 96 15.19 -11.61 0.72
N PRO A 97 14.11 -12.22 0.21
CA PRO A 97 13.07 -11.38 -0.40
C PRO A 97 12.44 -10.36 0.55
N HIS A 98 12.30 -9.15 0.03
CA HIS A 98 11.56 -8.10 0.72
C HIS A 98 10.17 -8.00 0.06
N ILE A 99 9.16 -8.20 0.87
CA ILE A 99 7.77 -8.13 0.38
C ILE A 99 7.23 -6.77 0.79
N LYS A 100 7.10 -5.88 -0.18
CA LYS A 100 6.69 -4.49 0.10
C LYS A 100 5.17 -4.36 0.10
N VAL A 101 4.64 -3.52 0.99
CA VAL A 101 3.21 -3.34 1.16
C VAL A 101 2.81 -1.89 1.32
N GLY A 102 3.64 -1.01 0.81
CA GLY A 102 3.28 0.42 0.79
C GLY A 102 3.85 1.08 -0.41
N PRO A 103 3.62 2.39 -0.54
CA PRO A 103 3.87 3.11 -1.79
C PRO A 103 5.29 2.98 -2.31
N GLU A 104 5.41 2.92 -3.65
CA GLU A 104 6.69 2.86 -4.33
C GLU A 104 7.64 3.94 -3.77
N GLU A 105 8.88 3.58 -3.50
CA GLU A 105 9.80 4.59 -2.97
C GLU A 105 10.26 5.49 -4.10
N THR A 106 10.23 6.79 -3.86
CA THR A 106 10.27 7.78 -4.94
C THR A 106 11.28 8.93 -4.73
N PRO A 107 12.40 8.92 -5.48
CA PRO A 107 12.79 7.93 -6.49
C PRO A 107 12.96 6.52 -5.91
N LEU A 112 19.19 -0.80 -6.92
CA LEU A 112 18.82 -2.09 -6.34
C LEU A 112 18.96 -3.20 -7.36
N ARG A 113 19.87 -4.14 -7.11
CA ARG A 113 20.11 -5.25 -8.01
C ARG A 113 19.18 -6.42 -7.74
N PHE A 114 19.37 -7.08 -6.60
CA PHE A 114 18.49 -8.18 -6.19
C PHE A 114 17.04 -7.69 -6.26
N ALA A 115 16.15 -8.57 -6.70
CA ALA A 115 14.78 -8.22 -6.95
C ALA A 115 13.93 -8.21 -5.66
N SER A 116 12.85 -7.40 -5.59
CA SER A 116 11.82 -7.49 -4.51
C SER A 116 10.46 -7.58 -5.19
N VAL A 117 9.40 -7.80 -4.42
CA VAL A 117 8.04 -7.65 -5.00
C VAL A 117 7.26 -6.70 -4.15
N SER A 118 6.23 -6.08 -4.73
CA SER A 118 5.35 -5.20 -3.98
C SER A 118 3.89 -5.49 -4.22
N LEU A 119 3.09 -5.54 -3.16
CA LEU A 119 1.65 -5.70 -3.29
C LEU A 119 0.91 -4.38 -3.47
N TYR A 120 1.61 -3.24 -3.33
CA TYR A 120 0.95 -1.93 -3.38
C TYR A 120 1.01 -1.45 -4.83
N PRO A 121 -0.03 -0.80 -5.35
CA PRO A 121 0.01 -0.39 -6.76
C PRO A 121 1.22 0.48 -7.09
N SER A 122 1.80 0.29 -8.26
CA SER A 122 2.92 1.10 -8.67
C SER A 122 2.51 2.58 -8.90
N ASN A 123 3.49 3.46 -8.86
CA ASN A 123 3.25 4.87 -9.15
C ASN A 123 2.60 5.02 -10.52
N GLU A 124 3.09 4.28 -11.51
CA GLU A 124 2.56 4.39 -12.86
C GLU A 124 1.08 3.99 -12.86
N ASP A 125 0.73 2.93 -12.13
CA ASP A 125 -0.65 2.49 -12.06
C ASP A 125 -1.56 3.55 -11.39
N VAL A 126 -1.10 4.16 -10.33
CA VAL A 126 -1.88 5.25 -9.70
C VAL A 126 -2.09 6.39 -10.70
N SER A 127 -1.04 6.77 -11.43
CA SER A 127 -1.16 7.82 -12.45
CA SER A 127 -1.19 7.82 -12.40
C SER A 127 -2.17 7.43 -13.50
N LEU A 128 -2.09 6.21 -13.99
CA LEU A 128 -3.02 5.75 -15.02
C LEU A 128 -4.46 5.71 -14.52
N ALA A 129 -4.67 5.32 -13.26
CA ALA A 129 -6.02 5.29 -12.70
C ALA A 129 -6.61 6.69 -12.59
N VAL A 130 -5.80 7.64 -12.15
CA VAL A 130 -6.21 9.03 -12.10
C VAL A 130 -6.51 9.50 -13.51
N SER A 131 -5.67 9.16 -14.48
CA SER A 131 -5.88 9.59 -15.85
C SER A 131 -7.17 8.99 -16.39
N ARG A 132 -7.56 7.79 -15.94
CA ARG A 132 -8.81 7.19 -16.41
C ARG A 132 -9.98 8.04 -15.94
N ILE A 133 -9.93 8.54 -14.72
CA ILE A 133 -11.01 9.38 -14.24
C ILE A 133 -10.97 10.68 -15.05
N LEU A 134 -9.81 11.24 -15.33
CA LEU A 134 -9.72 12.47 -16.12
C LEU A 134 -10.32 12.28 -17.51
N LYS A 135 -10.11 11.12 -18.14
CA LYS A 135 -10.71 10.81 -19.44
C LYS A 135 -12.22 10.91 -19.31
N SER A 136 -12.79 10.40 -18.22
CA SER A 136 -14.24 10.47 -17.94
C SER A 136 -14.74 11.92 -17.82
N PHE A 137 -13.87 12.85 -17.42
CA PHE A 137 -14.16 14.26 -17.31
C PHE A 137 -13.83 14.98 -18.66
N ASN A 138 -13.55 14.25 -19.73
CA ASN A 138 -13.17 14.82 -21.01
C ASN A 138 -11.82 15.54 -21.02
N TYR A 139 -10.89 15.02 -20.21
CA TYR A 139 -9.51 15.48 -20.20
C TYR A 139 -9.43 16.97 -19.97
N PRO A 140 -9.86 17.42 -18.80
CA PRO A 140 -9.80 18.85 -18.51
C PRO A 140 -8.46 19.34 -17.99
N SER A 141 -8.33 20.65 -17.82
CA SER A 141 -7.27 21.23 -17.01
C SER A 141 -7.57 20.89 -15.56
N ALA A 142 -6.56 20.99 -14.70
CA ALA A 142 -6.71 20.57 -13.30
C ALA A 142 -5.75 21.30 -12.41
N SER A 143 -5.90 21.12 -11.08
CA SER A 143 -4.93 21.55 -10.10
CA SER A 143 -4.91 21.55 -10.11
C SER A 143 -4.51 20.30 -9.34
N LEU A 144 -3.28 20.26 -8.87
CA LEU A 144 -2.78 19.20 -8.07
C LEU A 144 -2.30 19.79 -6.77
N ILE A 145 -2.74 19.20 -5.66
CA ILE A 145 -2.33 19.52 -4.32
C ILE A 145 -1.52 18.37 -3.87
N CYS A 146 -0.27 18.63 -3.54
CA CYS A 146 0.69 17.63 -3.06
C CYS A 146 1.06 17.83 -1.60
N ALA A 147 1.08 16.75 -0.85
CA ALA A 147 1.57 16.81 0.52
C ALA A 147 3.08 16.98 0.51
N LYS A 148 3.74 16.34 -0.45
CA LYS A 148 5.20 16.35 -0.55
C LYS A 148 5.64 16.69 -1.97
N ALA A 149 6.79 17.36 -2.12
CA ALA A 149 7.21 17.72 -3.46
C ALA A 149 7.42 16.48 -4.36
N GLU A 150 7.76 15.35 -3.75
CA GLU A 150 8.02 14.14 -4.51
C GLU A 150 6.79 13.71 -5.32
N CYS A 151 5.65 14.37 -5.11
CA CYS A 151 4.45 14.04 -5.88
C CYS A 151 4.67 14.16 -7.37
N LEU A 152 5.51 15.09 -7.80
CA LEU A 152 5.73 15.23 -9.24
C LEU A 152 6.40 13.98 -9.82
N LEU A 153 7.20 13.32 -8.99
CA LEU A 153 7.81 12.05 -9.36
C LEU A 153 6.82 10.93 -9.26
N ARG A 154 6.07 10.85 -8.17
CA ARG A 154 5.08 9.76 -8.04
C ARG A 154 4.14 9.81 -9.21
N LEU A 155 3.69 11.02 -9.59
CA LEU A 155 2.73 11.17 -10.64
C LEU A 155 3.39 11.59 -11.96
N GLU A 156 4.61 11.15 -12.16
CA GLU A 156 5.34 11.53 -13.38
C GLU A 156 4.61 11.18 -14.67
N GLU A 157 3.90 10.06 -14.74
CA GLU A 157 3.21 9.71 -15.96
CA GLU A 157 3.14 9.68 -15.94
C GLU A 157 2.11 10.74 -16.27
N LEU A 158 1.35 11.12 -15.27
N LEU A 158 1.40 11.15 -15.23
CA LEU A 158 0.32 12.10 -15.48
CA LEU A 158 0.33 12.13 -15.31
C LEU A 158 0.94 13.47 -15.78
C LEU A 158 0.87 13.51 -15.67
N VAL A 159 2.00 13.84 -15.05
CA VAL A 159 2.63 15.13 -15.27
C VAL A 159 3.16 15.23 -16.69
N ARG A 160 3.81 14.19 -17.18
CA ARG A 160 4.30 14.18 -18.55
CA ARG A 160 4.30 14.19 -18.54
C ARG A 160 3.17 14.32 -19.56
N GLY A 161 2.00 13.75 -19.25
CA GLY A 161 0.86 13.90 -20.14
C GLY A 161 0.38 15.32 -20.20
N PHE A 162 0.26 15.99 -19.05
CA PHE A 162 -0.13 17.39 -19.05
C PHE A 162 0.90 18.29 -19.73
N LEU A 163 2.18 17.94 -19.64
CA LEU A 163 3.22 18.78 -20.20
C LEU A 163 3.14 18.85 -21.69
N ILE A 164 2.56 17.83 -22.33
CA ILE A 164 2.45 17.85 -23.81
C ILE A 164 1.02 18.13 -24.31
N SER A 165 0.07 18.24 -23.41
CA SER A 165 -1.33 18.46 -23.77
CA SER A 165 -1.31 18.46 -23.84
C SER A 165 -1.70 19.94 -23.81
N LYS A 166 -2.81 20.28 -24.45
CA LYS A 166 -3.26 21.67 -24.43
C LYS A 166 -3.75 22.10 -23.06
N GLU A 167 -4.08 21.15 -22.20
CA GLU A 167 -4.58 21.45 -20.87
C GLU A 167 -3.48 21.77 -19.88
N THR A 168 -3.85 22.50 -18.85
CA THR A 168 -2.91 22.94 -17.84
C THR A 168 -3.08 22.17 -16.53
N LEU A 169 -2.00 22.15 -15.79
CA LEU A 169 -1.98 21.57 -14.43
C LEU A 169 -1.27 22.50 -13.50
N SER A 170 -2.01 23.11 -12.60
N SER A 170 -1.99 23.04 -12.53
N SER A 170 -1.97 23.02 -12.51
CA SER A 170 -1.35 23.87 -11.56
CA SER A 170 -1.39 23.93 -11.55
CA SER A 170 -1.40 23.98 -11.57
C SER A 170 -0.94 22.87 -10.51
C SER A 170 -1.07 23.17 -10.29
C SER A 170 -1.08 23.23 -10.28
N VAL A 171 0.21 23.11 -9.94
CA VAL A 171 0.68 22.30 -8.87
C VAL A 171 1.01 23.11 -7.65
N ARG A 172 0.58 22.70 -6.47
CA ARG A 172 0.83 23.45 -5.25
C ARG A 172 1.14 22.48 -4.14
N MET A 173 2.13 22.81 -3.29
CA MET A 173 2.58 21.92 -2.24
C MET A 173 2.16 22.45 -0.91
N LEU A 174 1.72 21.57 -0.04
CA LEU A 174 1.35 21.96 1.29
C LEU A 174 2.64 22.36 2.01
N ASP A 175 3.72 21.65 1.71
CA ASP A 175 5.05 22.02 2.24
C ASP A 175 5.52 23.35 1.63
N SER A 177 3.14 24.82 4.78
CA SER A 177 3.46 23.54 5.37
C SER A 177 2.48 23.19 6.50
N ARG A 178 1.46 24.01 6.68
CA ARG A 178 0.55 23.87 7.81
C ARG A 178 -0.92 23.73 7.40
N ASP A 179 -1.51 24.84 6.99
CA ASP A 179 -2.94 24.89 6.67
C ASP A 179 -3.15 25.10 5.17
N PRO A 180 -3.96 24.24 4.52
CA PRO A 180 -4.10 24.37 3.08
C PRO A 180 -5.00 25.51 2.60
N THR A 181 -5.55 26.30 3.51
CA THR A 181 -6.52 27.30 3.11
C THR A 181 -5.98 28.29 2.07
N PRO A 182 -4.77 28.83 2.28
CA PRO A 182 -4.28 29.79 1.28
C PRO A 182 -4.04 29.12 -0.08
N LEU A 183 -3.68 27.85 -0.05
CA LEU A 183 -3.48 27.09 -1.27
C LEU A 183 -4.79 26.93 -2.03
N LEU A 184 -5.85 26.60 -1.30
CA LEU A 184 -7.15 26.39 -1.87
C LEU A 184 -7.73 27.70 -2.43
N LYS A 185 -7.42 28.81 -1.75
CA LYS A 185 -7.88 30.11 -2.25
C LYS A 185 -7.22 30.44 -3.59
N GLU A 186 -5.97 30.06 -3.76
CA GLU A 186 -5.34 30.28 -5.07
C GLU A 186 -5.99 29.40 -6.12
N ILE A 187 -6.25 28.13 -5.79
CA ILE A 187 -6.95 27.30 -6.74
C ILE A 187 -8.32 27.87 -7.13
N ARG A 188 -9.03 28.40 -6.14
CA ARG A 188 -10.33 28.97 -6.40
C ARG A 188 -10.22 30.12 -7.41
N ASP A 189 -9.17 30.91 -7.29
CA ASP A 189 -9.02 32.06 -8.17
C ASP A 189 -8.69 31.62 -9.58
N ASP A 190 -8.12 30.43 -9.74
CA ASP A 190 -7.83 29.92 -11.08
C ASP A 190 -9.09 29.46 -11.77
N LYS A 191 -10.14 29.20 -10.99
CA LYS A 191 -11.42 28.85 -11.55
C LYS A 191 -11.39 27.61 -12.43
N VAL A 192 -10.59 26.64 -12.00
CA VAL A 192 -10.56 25.32 -12.63
C VAL A 192 -11.30 24.29 -11.73
N SER A 193 -12.10 23.44 -12.35
CA SER A 193 -12.99 22.51 -11.62
C SER A 193 -12.27 21.37 -10.95
N THR A 194 -11.29 20.75 -11.59
CA THR A 194 -10.81 19.43 -11.15
C THR A 194 -9.59 19.57 -10.28
N ILE A 195 -9.62 18.99 -9.08
CA ILE A 195 -8.58 19.09 -8.08
C ILE A 195 -8.14 17.69 -7.75
N ILE A 196 -6.86 17.39 -7.96
CA ILE A 196 -6.28 16.10 -7.63
C ILE A 196 -5.54 16.29 -6.32
N ILE A 197 -5.81 15.43 -5.34
CA ILE A 197 -5.14 15.50 -4.05
C ILE A 197 -4.28 14.28 -3.88
N ASP A 198 -2.96 14.51 -3.81
CA ASP A 198 -1.98 13.45 -3.55
C ASP A 198 -1.47 13.62 -2.14
N ALA A 199 -2.01 12.86 -1.22
CA ALA A 199 -1.65 12.96 0.18
C ALA A 199 -2.19 11.72 0.86
N ASN A 200 -1.72 11.45 2.08
CA ASN A 200 -2.30 10.34 2.81
C ASN A 200 -3.71 10.66 3.29
N ALA A 201 -4.35 9.74 4.00
CA ALA A 201 -5.76 9.89 4.26
C ALA A 201 -6.03 11.07 5.18
N SER A 202 -5.21 11.28 6.20
CA SER A 202 -5.52 12.33 7.17
C SER A 202 -5.32 13.72 6.56
N ILE A 203 -4.26 13.87 5.76
CA ILE A 203 -4.01 15.14 5.09
C ILE A 203 -5.11 15.37 4.02
N SER A 204 -5.51 14.32 3.30
CA SER A 204 -6.59 14.48 2.34
C SER A 204 -7.87 14.93 2.99
N HIS A 205 -8.19 14.39 4.15
CA HIS A 205 -9.38 14.80 4.89
CA HIS A 205 -9.38 14.80 4.89
C HIS A 205 -9.28 16.27 5.26
N LEU A 206 -8.11 16.68 5.74
CA LEU A 206 -7.91 18.08 6.10
C LEU A 206 -8.15 19.03 4.91
N VAL A 207 -7.58 18.71 3.76
CA VAL A 207 -7.76 19.49 2.55
C VAL A 207 -9.26 19.56 2.20
N LEU A 208 -9.95 18.42 2.22
CA LEU A 208 -11.39 18.45 1.85
C LEU A 208 -12.23 19.25 2.84
N ARG A 209 -11.90 19.15 4.13
CA ARG A 209 -12.58 19.93 5.17
CA ARG A 209 -12.59 19.92 5.15
C ARG A 209 -12.42 21.41 4.92
N LYS A 210 -11.19 21.86 4.67
CA LYS A 210 -10.94 23.26 4.40
C LYS A 210 -11.60 23.71 3.09
N ALA A 211 -11.61 22.83 2.08
CA ALA A 211 -12.27 23.15 0.84
C ALA A 211 -13.76 23.34 1.06
N SER A 212 -14.37 22.48 1.84
CA SER A 212 -15.79 22.56 2.13
C SER A 212 -16.14 23.91 2.78
N GLU A 213 -15.28 24.32 3.70
CA GLU A 213 -15.50 25.56 4.46
C GLU A 213 -15.44 26.79 3.56
N LEU A 214 -14.70 26.68 2.45
CA LEU A 214 -14.52 27.72 1.45
C LEU A 214 -15.58 27.67 0.36
N GLY A 215 -16.53 26.75 0.47
CA GLY A 215 -17.57 26.58 -0.54
C GLY A 215 -17.08 25.86 -1.80
N MET A 216 -15.97 25.13 -1.66
CA MET A 216 -15.33 24.49 -2.81
C MET A 216 -15.71 23.01 -2.91
N THR A 217 -16.79 22.60 -2.28
CA THR A 217 -17.33 21.27 -2.52
C THR A 217 -18.74 21.35 -3.18
N SER A 218 -19.01 22.48 -3.82
CA SER A 218 -20.16 22.67 -4.68
C SER A 218 -20.08 21.77 -5.94
N ALA A 219 -21.14 21.69 -6.72
CA ALA A 219 -21.20 20.81 -7.90
C ALA A 219 -20.18 21.15 -8.98
N PHE A 220 -19.66 22.36 -8.96
CA PHE A 220 -18.66 22.77 -9.95
C PHE A 220 -17.39 21.98 -9.79
N TYR A 221 -16.97 21.73 -8.54
CA TYR A 221 -15.65 21.16 -8.28
C TYR A 221 -15.69 19.65 -8.30
N LYS A 222 -14.63 19.05 -8.82
CA LYS A 222 -14.48 17.60 -8.83
C LYS A 222 -13.15 17.27 -8.22
N TYR A 223 -13.11 16.28 -7.32
CA TYR A 223 -11.91 15.89 -6.65
C TYR A 223 -11.51 14.47 -7.01
N ILE A 224 -10.22 14.24 -7.17
CA ILE A 224 -9.69 12.87 -7.34
C ILE A 224 -8.60 12.69 -6.30
N LEU A 225 -8.74 11.70 -5.44
CA LEU A 225 -7.73 11.43 -4.40
C LEU A 225 -6.91 10.23 -4.78
N THR A 226 -5.62 10.28 -4.51
CA THR A 226 -4.73 9.17 -4.81
C THR A 226 -4.62 8.16 -3.68
N THR A 227 -5.05 8.49 -2.48
CA THR A 227 -4.81 7.55 -1.33
C THR A 227 -5.57 6.23 -1.56
N MET A 228 -4.93 5.05 -1.38
CA MET A 228 -5.65 3.81 -1.41
C MET A 228 -6.43 3.56 -0.11
N ASP A 229 -6.35 4.47 0.85
CA ASP A 229 -7.14 4.41 2.08
CA ASP A 229 -7.21 4.34 2.04
C ASP A 229 -8.47 5.17 1.92
N PHE A 230 -8.82 5.53 0.69
CA PHE A 230 -10.08 6.24 0.49
C PHE A 230 -11.30 5.63 1.21
N PRO A 231 -11.47 4.29 1.27
CA PRO A 231 -12.68 3.74 1.87
C PRO A 231 -12.82 4.11 3.33
N ILE A 232 -11.74 4.38 4.06
CA ILE A 232 -11.95 4.72 5.47
CA ILE A 232 -11.75 4.73 5.50
C ILE A 232 -11.82 6.22 5.77
N LEU A 233 -11.90 7.02 4.71
CA LEU A 233 -11.95 8.44 4.85
C LEU A 233 -13.42 8.80 4.99
N HIS A 234 -13.79 9.27 6.15
CA HIS A 234 -15.19 9.57 6.41
C HIS A 234 -15.39 11.06 6.51
N LEU A 235 -16.19 11.53 5.58
CA LEU A 235 -16.35 12.96 5.34
C LEU A 235 -17.74 13.38 5.78
N ASP A 236 -18.19 12.75 6.85
CA ASP A 236 -19.45 13.08 7.52
C ASP A 236 -19.52 14.59 7.74
N GLY A 237 -20.65 15.18 7.36
CA GLY A 237 -20.84 16.61 7.49
C GLY A 237 -20.35 17.41 6.31
N ILE A 238 -19.41 16.87 5.54
CA ILE A 238 -18.95 17.53 4.31
C ILE A 238 -19.83 17.12 3.13
N VAL A 239 -20.10 15.82 3.00
CA VAL A 239 -20.75 15.32 1.81
C VAL A 239 -22.21 14.90 2.02
N GLU A 240 -22.97 15.02 0.95
CA GLU A 240 -24.35 14.56 0.87
C GLU A 240 -24.41 13.13 0.34
N ASP A 241 -25.55 12.67 -0.16
CA ASP A 241 -25.67 11.29 -0.62
C ASP A 241 -25.00 11.04 -1.94
N SER A 242 -24.71 12.14 -2.63
CA SER A 242 -23.99 12.10 -3.87
C SER A 242 -22.90 13.15 -3.72
N SER A 243 -21.77 12.93 -4.36
CA SER A 243 -20.71 13.94 -4.36
C SER A 243 -19.88 13.89 -5.61
N ASN A 244 -18.92 14.80 -5.73
CA ASN A 244 -17.90 14.71 -6.78
C ASN A 244 -16.55 14.36 -6.23
N ILE A 245 -16.52 13.67 -5.08
CA ILE A 245 -15.25 13.28 -4.44
C ILE A 245 -14.96 11.83 -4.76
N LEU A 246 -13.96 11.61 -5.60
CA LEU A 246 -13.65 10.28 -6.15
C LEU A 246 -12.33 9.77 -5.70
N GLY A 247 -12.24 8.46 -5.61
CA GLY A 247 -10.98 7.81 -5.24
C GLY A 247 -11.14 6.31 -5.44
N PHE A 248 -10.23 5.56 -4.80
CA PHE A 248 -10.01 4.15 -5.14
C PHE A 248 -10.07 3.22 -3.96
N SER A 249 -10.37 1.96 -4.27
CA SER A 249 -10.26 0.89 -3.28
C SER A 249 -9.71 -0.35 -3.94
N MET A 250 -8.88 -1.09 -3.20
CA MET A 250 -8.40 -2.42 -3.63
C MET A 250 -9.19 -3.56 -3.05
N PHE A 251 -10.01 -3.31 -2.08
CA PHE A 251 -10.66 -4.40 -1.34
C PHE A 251 -11.61 -5.20 -2.19
N ASN A 252 -11.57 -6.52 -2.02
CA ASN A 252 -12.62 -7.39 -2.49
C ASN A 252 -13.48 -7.81 -1.31
N THR A 253 -14.62 -7.10 -1.15
CA THR A 253 -15.48 -7.33 0.03
C THR A 253 -16.23 -8.63 -0.05
N SER A 254 -16.16 -9.29 -1.21
CA SER A 254 -16.72 -10.60 -1.37
C SER A 254 -15.75 -11.72 -1.08
N HIS A 255 -14.47 -11.42 -0.80
CA HIS A 255 -13.54 -12.46 -0.43
C HIS A 255 -14.10 -13.24 0.76
N PRO A 256 -13.93 -14.58 0.78
CA PRO A 256 -14.60 -15.36 1.83
C PRO A 256 -14.13 -15.01 3.23
N PHE A 257 -12.96 -14.43 3.39
CA PHE A 257 -12.47 -14.09 4.72
C PHE A 257 -12.77 -12.63 5.09
N TYR A 258 -13.27 -11.85 4.15
CA TYR A 258 -13.49 -10.44 4.42
C TYR A 258 -14.36 -10.18 5.66
N PRO A 259 -15.44 -10.97 5.87
CA PRO A 259 -16.19 -10.66 7.08
C PRO A 259 -15.45 -10.87 8.38
N GLU A 260 -14.72 -11.98 8.51
CA GLU A 260 -13.97 -12.22 9.68
C GLU A 260 -12.91 -11.18 9.83
N PHE A 261 -12.35 -10.73 8.71
CA PHE A 261 -11.26 -9.74 8.73
C PHE A 261 -11.79 -8.42 9.31
N VAL A 262 -12.92 -7.95 8.80
CA VAL A 262 -13.50 -6.71 9.25
C VAL A 262 -13.87 -6.79 10.71
N ARG A 263 -14.54 -7.88 11.09
CA ARG A 263 -15.06 -7.99 12.44
C ARG A 263 -13.89 -8.11 13.41
N SER A 264 -12.86 -8.88 13.05
CA SER A 264 -11.71 -9.04 13.90
C SER A 264 -10.97 -7.71 14.08
N LEU A 265 -10.79 -6.92 13.03
CA LEU A 265 -10.08 -5.67 13.14
C LEU A 265 -10.91 -4.63 13.90
N ASN A 266 -12.23 -4.82 13.89
CA ASN A 266 -13.14 -3.98 14.67
C ASN A 266 -12.86 -4.24 16.16
N MET A 267 -12.77 -5.51 16.55
CA MET A 267 -12.40 -5.85 17.91
C MET A 267 -10.96 -5.38 18.23
N SER A 268 -10.08 -5.31 17.23
CA SER A 268 -8.71 -4.80 17.48
C SER A 268 -8.82 -3.32 17.81
N TRP A 269 -9.59 -2.61 17.00
CA TRP A 269 -9.77 -1.17 17.12
C TRP A 269 -10.36 -0.79 18.45
N ARG A 270 -11.31 -1.58 18.91
CA ARG A 270 -12.12 -1.18 20.05
C ARG A 270 -11.54 -1.69 21.38
N GLU A 271 -10.22 -1.79 21.45
CA GLU A 271 -9.54 -2.08 22.69
C GLU A 271 -8.68 -0.88 23.08
N ASN A 272 -8.55 0.06 22.15
CA ASN A 272 -7.91 1.33 22.43
C ASN A 272 -8.85 2.50 22.13
N CYS A 273 -9.94 2.21 21.43
CA CYS A 273 -10.89 3.25 21.05
C CYS A 273 -12.31 2.72 21.10
N GLU A 274 -13.24 3.48 20.52
CA GLU A 274 -14.66 3.14 20.56
C GLU A 274 -15.07 2.40 19.29
N ALA A 275 -15.95 1.41 19.43
CA ALA A 275 -16.43 0.65 18.26
C ALA A 275 -17.03 1.58 17.20
N SER A 276 -17.69 2.66 17.64
CA SER A 276 -18.31 3.60 16.71
C SER A 276 -17.33 4.40 15.85
N THR A 277 -16.08 4.47 16.28
CA THR A 277 -15.09 5.23 15.53
C THR A 277 -14.30 4.31 14.60
N TYR A 278 -14.44 2.99 14.72
CA TYR A 278 -13.79 2.08 13.73
C TYR A 278 -14.26 2.40 12.33
N PRO A 279 -13.32 2.77 11.44
CA PRO A 279 -13.73 3.26 10.13
C PRO A 279 -13.82 2.16 9.10
N GLY A 280 -13.52 0.93 9.49
CA GLY A 280 -13.34 -0.12 8.53
C GLY A 280 -11.88 -0.53 8.48
N PRO A 281 -11.60 -1.56 7.72
CA PRO A 281 -10.24 -2.12 7.77
C PRO A 281 -9.25 -1.29 6.98
N ALA A 282 -8.04 -1.17 7.52
CA ALA A 282 -7.01 -0.43 6.83
C ALA A 282 -6.41 -1.30 5.71
N LEU A 283 -6.14 -0.65 4.60
CA LEU A 283 -5.62 -1.40 3.46
C LEU A 283 -4.29 -2.04 3.82
N SER A 284 -3.45 -1.35 4.56
CA SER A 284 -2.12 -1.93 4.88
C SER A 284 -2.26 -3.22 5.65
N ALA A 285 -3.27 -3.37 6.52
CA ALA A 285 -3.51 -4.62 7.20
C ALA A 285 -3.88 -5.74 6.23
N ALA A 286 -4.72 -5.40 5.25
CA ALA A 286 -5.10 -6.37 4.24
C ALA A 286 -3.92 -6.76 3.35
N LEU A 287 -3.06 -5.80 3.01
CA LEU A 287 -1.87 -6.11 2.24
C LEU A 287 -0.94 -7.02 3.04
N MET A 288 -0.79 -6.80 4.34
CA MET A 288 0.05 -7.69 5.13
C MET A 288 -0.54 -9.09 5.16
N PHE A 289 -1.86 -9.25 5.31
CA PHE A 289 -2.49 -10.57 5.29
C PHE A 289 -2.23 -11.24 3.99
N ASP A 290 -2.41 -10.53 2.89
CA ASP A 290 -2.20 -11.10 1.58
C ASP A 290 -0.72 -11.45 1.38
N ALA A 291 0.19 -10.64 1.92
CA ALA A 291 1.61 -10.86 1.77
C ALA A 291 2.01 -12.19 2.39
N VAL A 292 1.46 -12.54 3.55
CA VAL A 292 1.79 -13.82 4.17
C VAL A 292 1.38 -14.93 3.22
N HIS A 293 0.19 -14.88 2.63
CA HIS A 293 -0.22 -15.91 1.70
C HIS A 293 0.66 -16.01 0.47
N VAL A 294 1.11 -14.91 -0.07
CA VAL A 294 1.96 -14.90 -1.23
C VAL A 294 3.28 -15.61 -0.88
N VAL A 295 3.88 -15.27 0.26
CA VAL A 295 5.14 -15.88 0.62
C VAL A 295 4.96 -17.37 0.80
N VAL A 296 3.92 -17.79 1.51
CA VAL A 296 3.70 -19.22 1.73
C VAL A 296 3.50 -19.92 0.42
N SER A 297 2.70 -19.37 -0.48
CA SER A 297 2.46 -20.00 -1.78
CA SER A 297 2.46 -20.00 -1.76
C SER A 297 3.76 -20.25 -2.53
N ALA A 298 4.62 -19.25 -2.58
CA ALA A 298 5.87 -19.31 -3.33
C ALA A 298 6.82 -20.28 -2.71
N VAL A 299 6.92 -20.28 -1.40
CA VAL A 299 7.86 -21.18 -0.72
C VAL A 299 7.40 -22.60 -0.92
N ARG A 300 6.10 -22.89 -0.80
CA ARG A 300 5.66 -24.29 -0.93
CA ARG A 300 5.59 -24.25 -0.98
C ARG A 300 5.85 -24.76 -2.37
N GLU A 301 5.72 -23.89 -3.36
CA GLU A 301 5.97 -24.27 -4.75
C GLU A 301 7.47 -24.48 -4.99
N LEU A 302 8.32 -23.57 -4.52
CA LEU A 302 9.77 -23.76 -4.60
C LEU A 302 10.20 -25.11 -3.95
N ASN A 303 9.57 -25.48 -2.83
CA ASN A 303 9.88 -26.67 -2.04
C ASN A 303 9.57 -27.93 -2.82
N ARG A 304 8.79 -27.87 -3.89
CA ARG A 304 8.53 -29.06 -4.72
CA ARG A 304 8.53 -29.07 -4.67
C ARG A 304 9.74 -29.41 -5.56
N SER A 305 10.63 -28.45 -5.77
CA SER A 305 11.69 -28.62 -6.76
C SER A 305 13.08 -28.52 -6.13
N GLN A 306 13.16 -28.06 -4.91
CA GLN A 306 14.42 -27.91 -4.26
C GLN A 306 14.23 -27.89 -2.75
N GLU A 307 15.24 -28.41 -2.11
CA GLU A 307 15.36 -28.49 -0.68
CA GLU A 307 15.23 -28.45 -0.66
C GLU A 307 15.66 -27.11 -0.09
N ILE A 308 14.72 -26.49 0.64
CA ILE A 308 14.95 -25.18 1.23
C ILE A 308 15.44 -25.26 2.68
N GLY A 309 16.53 -24.56 2.95
CA GLY A 309 17.04 -24.50 4.32
C GLY A 309 17.27 -23.06 4.71
N VAL A 310 17.38 -22.81 6.00
CA VAL A 310 17.83 -21.51 6.46
C VAL A 310 18.96 -21.73 7.40
N LYS A 311 19.84 -20.73 7.45
CA LYS A 311 20.93 -20.67 8.43
C LYS A 311 20.83 -19.30 9.06
N PRO A 312 21.43 -19.12 10.25
CA PRO A 312 21.58 -17.74 10.72
C PRO A 312 22.41 -16.93 9.72
N LEU A 313 21.90 -15.75 9.40
CA LEU A 313 22.69 -14.77 8.69
C LEU A 313 22.98 -13.73 9.72
N ALA A 314 23.81 -12.74 9.37
CA ALA A 314 24.19 -11.76 10.34
C ALA A 314 24.61 -10.50 9.66
N CYS A 315 24.42 -9.39 10.33
CA CYS A 315 24.96 -8.17 9.84
C CYS A 315 26.47 -8.14 9.78
N THR A 316 27.13 -8.98 10.56
CA THR A 316 28.57 -9.02 10.61
C THR A 316 29.13 -10.15 9.78
N SER A 317 28.38 -10.63 8.81
CA SER A 317 28.85 -11.66 7.87
CA SER A 317 28.99 -11.54 7.85
C SER A 317 28.43 -11.28 6.46
N ALA A 318 29.23 -11.65 5.49
CA ALA A 318 28.87 -11.42 4.08
C ALA A 318 28.05 -12.58 3.52
N ASN A 319 27.79 -13.62 4.30
N ASN A 319 27.71 -13.56 4.36
CA ASN A 319 27.03 -14.74 3.77
CA ASN A 319 26.93 -14.72 3.90
C ASN A 319 25.69 -14.24 3.25
C ASN A 319 25.53 -14.37 3.40
N ILE A 320 25.17 -14.97 2.27
CA ILE A 320 23.84 -14.72 1.69
C ILE A 320 22.99 -15.97 1.87
N TRP A 321 21.67 -15.81 1.67
CA TRP A 321 20.77 -16.95 1.70
C TRP A 321 20.80 -17.60 0.30
N PRO A 322 21.26 -18.86 0.19
CA PRO A 322 21.42 -19.45 -1.13
C PRO A 322 20.15 -19.58 -1.93
N HIS A 323 18.99 -19.58 -1.26
CA HIS A 323 17.73 -19.82 -1.95
C HIS A 323 17.03 -18.56 -2.36
N GLY A 324 17.58 -17.38 -2.06
CA GLY A 324 16.83 -16.15 -2.27
C GLY A 324 16.56 -15.89 -3.73
N THR A 325 17.51 -16.12 -4.59
CA THR A 325 17.31 -15.92 -6.02
C THR A 325 16.17 -16.77 -6.57
N SER A 326 16.16 -18.03 -6.14
CA SER A 326 15.15 -18.98 -6.55
C SER A 326 13.81 -18.52 -6.02
N LEU A 327 13.74 -18.14 -4.74
CA LEU A 327 12.45 -17.76 -4.16
C LEU A 327 11.92 -16.51 -4.80
N MET A 328 12.77 -15.56 -5.16
CA MET A 328 12.30 -14.40 -5.89
C MET A 328 11.61 -14.80 -7.22
N ASN A 329 12.12 -15.79 -7.93
CA ASN A 329 11.49 -16.25 -9.18
C ASN A 329 10.14 -16.91 -8.86
N TYR A 330 10.06 -17.71 -7.79
CA TYR A 330 8.80 -18.35 -7.44
C TYR A 330 7.77 -17.35 -6.92
N LEU A 331 8.21 -16.30 -6.23
CA LEU A 331 7.29 -15.22 -5.83
C LEU A 331 6.66 -14.64 -7.09
N ARG A 332 7.42 -14.49 -8.15
CA ARG A 332 6.91 -13.90 -9.38
CA ARG A 332 6.92 -13.89 -9.37
C ARG A 332 5.98 -14.81 -10.12
N MET A 333 5.87 -16.08 -9.71
CA MET A 333 4.93 -17.02 -10.30
CA MET A 333 4.93 -17.00 -10.32
C MET A 333 3.58 -17.07 -9.58
N VAL A 334 3.48 -16.44 -8.42
CA VAL A 334 2.28 -16.53 -7.59
C VAL A 334 1.05 -15.96 -8.28
N GLU A 335 -0.03 -16.70 -8.16
CA GLU A 335 -1.36 -16.23 -8.54
C GLU A 335 -2.25 -16.47 -7.31
N TYR A 336 -2.68 -15.41 -6.68
CA TYR A 336 -3.34 -15.52 -5.39
C TYR A 336 -4.55 -14.58 -5.38
N ASP A 337 -5.68 -15.07 -4.90
CA ASP A 337 -6.90 -14.25 -4.81
C ASP A 337 -7.08 -13.75 -3.38
N GLY A 338 -6.80 -12.50 -3.16
CA GLY A 338 -6.70 -12.02 -1.79
C GLY A 338 -7.75 -10.99 -1.39
N LEU A 339 -7.59 -10.49 -0.18
CA LEU A 339 -8.42 -9.41 0.33
C LEU A 339 -8.30 -8.20 -0.55
N THR A 340 -7.15 -8.00 -1.18
CA THR A 340 -6.87 -6.88 -2.05
C THR A 340 -7.02 -7.21 -3.54
N GLY A 341 -7.78 -8.25 -3.83
CA GLY A 341 -8.04 -8.68 -5.19
C GLY A 341 -6.96 -9.64 -5.68
N ARG A 342 -6.84 -9.73 -7.00
CA ARG A 342 -5.93 -10.68 -7.59
C ARG A 342 -4.52 -10.20 -7.38
N VAL A 343 -3.66 -11.06 -6.86
CA VAL A 343 -2.27 -10.75 -6.69
C VAL A 343 -1.43 -11.60 -7.67
N GLU A 344 -0.73 -10.92 -8.58
CA GLU A 344 0.22 -11.52 -9.50
C GLU A 344 1.24 -10.44 -9.79
N PHE A 345 2.41 -10.85 -10.28
CA PHE A 345 3.50 -9.92 -10.42
C PHE A 345 4.05 -9.95 -11.84
N ASN A 346 4.54 -8.80 -12.25
CA ASN A 346 5.18 -8.71 -13.55
C ASN A 346 6.68 -8.89 -13.36
N SER A 347 7.41 -8.72 -14.47
CA SER A 347 8.85 -8.92 -14.42
C SER A 347 9.59 -7.96 -13.51
N LYS A 348 8.96 -6.84 -13.16
CA LYS A 348 9.53 -5.88 -12.26
C LYS A 348 9.13 -6.11 -10.80
N GLY A 349 8.39 -7.17 -10.51
CA GLY A 349 7.92 -7.37 -9.17
C GLY A 349 6.75 -6.48 -8.79
N GLN A 350 6.06 -5.91 -9.78
CA GLN A 350 4.90 -5.04 -9.49
C GLN A 350 3.59 -5.79 -9.70
N ARG A 351 2.55 -5.43 -8.96
CA ARG A 351 1.23 -6.02 -9.18
C ARG A 351 0.81 -5.86 -10.61
N THR A 352 0.20 -6.90 -11.15
CA THR A 352 -0.34 -6.87 -12.50
C THR A 352 -1.66 -7.66 -12.54
N ASN A 353 -2.39 -7.51 -13.63
CA ASN A 353 -3.64 -8.20 -13.79
C ASN A 353 -4.56 -8.02 -12.61
N TYR A 354 -4.74 -6.78 -12.20
CA TYR A 354 -5.63 -6.50 -11.08
C TYR A 354 -6.50 -5.29 -11.41
N THR A 355 -7.38 -4.94 -10.46
CA THR A 355 -8.25 -3.78 -10.64
C THR A 355 -8.25 -2.89 -9.44
N LEU A 356 -8.61 -1.64 -9.67
CA LEU A 356 -8.95 -0.70 -8.61
C LEU A 356 -10.38 -0.27 -8.81
N ARG A 357 -11.16 -0.39 -7.77
CA ARG A 357 -12.53 0.10 -7.84
CA ARG A 357 -12.53 0.10 -7.72
C ARG A 357 -12.51 1.61 -7.67
N ILE A 358 -13.35 2.27 -8.49
CA ILE A 358 -13.43 3.72 -8.44
C ILE A 358 -14.69 4.05 -7.67
N LEU A 359 -14.52 4.80 -6.59
CA LEU A 359 -15.57 5.11 -5.62
C LEU A 359 -15.90 6.59 -5.58
N GLU A 360 -17.15 6.90 -5.29
CA GLU A 360 -17.61 8.25 -5.07
C GLU A 360 -18.07 8.32 -3.61
N LYS A 361 -17.62 9.32 -2.85
CA LYS A 361 -17.97 9.46 -1.47
C LYS A 361 -19.39 9.85 -1.30
N SER A 362 -20.01 9.33 -0.23
CA SER A 362 -21.37 9.67 0.17
C SER A 362 -21.40 9.91 1.69
N ARG A 363 -22.49 10.50 2.18
CA ARG A 363 -22.72 10.75 3.62
C ARG A 363 -22.40 9.59 4.56
N GLN A 364 -22.77 8.34 4.23
CA GLN A 364 -22.42 7.20 5.09
C GLN A 364 -21.22 6.35 4.68
N GLY A 365 -20.65 6.63 3.52
CA GLY A 365 -19.63 5.78 3.00
C GLY A 365 -19.31 6.10 1.57
N HIS A 366 -19.66 5.21 0.66
CA HIS A 366 -19.35 5.44 -0.74
C HIS A 366 -20.19 4.58 -1.66
N ARG A 367 -20.13 4.83 -2.95
CA ARG A 367 -20.66 3.94 -3.96
C ARG A 367 -19.58 3.66 -4.96
N GLU A 368 -19.51 2.45 -5.50
CA GLU A 368 -18.63 2.19 -6.62
C GLU A 368 -19.25 2.66 -7.94
N ILE A 369 -18.50 3.44 -8.70
CA ILE A 369 -18.99 3.97 -9.95
C ILE A 369 -18.19 3.55 -11.17
N GLY A 370 -17.15 2.75 -10.99
CA GLY A 370 -16.43 2.25 -12.15
C GLY A 370 -15.28 1.40 -11.65
N VAL A 371 -14.50 0.90 -12.60
CA VAL A 371 -13.33 0.08 -12.33
C VAL A 371 -12.18 0.53 -13.25
N TRP A 372 -10.95 0.57 -12.73
CA TRP A 372 -9.76 0.70 -13.53
C TRP A 372 -9.13 -0.67 -13.60
N TYR A 373 -8.79 -1.10 -14.81
CA TYR A 373 -8.09 -2.36 -15.02
C TYR A 373 -6.62 -2.08 -15.34
N SER A 374 -5.69 -2.74 -14.66
CA SER A 374 -4.26 -2.61 -14.98
C SER A 374 -3.90 -3.12 -16.38
N ASN A 375 -4.73 -4.00 -16.91
CA ASN A 375 -4.50 -4.47 -18.28
C ASN A 375 -5.53 -3.90 -19.26
C1 NAG B . -0.20 11.39 7.03
C2 NAG B . 0.18 10.23 7.98
C3 NAG B . 0.23 10.70 9.43
C4 NAG B . 1.01 12.02 9.57
C5 NAG B . 0.57 13.03 8.51
C6 NAG B . 1.30 14.37 8.59
C7 NAG B . -2.00 8.99 8.13
C8 NAG B . -2.23 8.78 9.61
N2 NAG B . -0.69 9.06 7.77
O4 NAG B . 0.74 12.58 10.83
O5 NAG B . 0.67 12.48 7.21
O6 NAG B . 2.69 14.23 8.69
O7 NAG B . -2.98 9.07 7.34
H2 NAG B . 1.21 9.94 7.77
H4 NAG B . 2.07 11.79 9.48
H5 NAG B . -0.50 13.21 8.63
H61 NAG B . 0.96 14.92 9.47
H62 NAG B . 1.06 14.97 7.71
H81 NAG B . -2.78 7.86 9.75
H82 NAG B . -2.80 9.62 10.00
H83 NAG B . -1.27 8.71 10.12
HN2 NAG B . -0.28 8.25 7.33
HO6 NAG B . 2.92 13.27 8.69
C1 NAG B . 1.37 11.88 11.93
C2 NAG B . 1.89 12.91 12.92
C3 NAG B . 2.38 12.32 14.25
C4 NAG B . 1.58 11.11 14.77
C5 NAG B . 1.10 10.26 13.59
C6 NAG B . 0.12 9.18 14.04
C7 NAG B . 2.81 15.02 12.12
C8 NAG B . 4.09 15.80 12.03
N2 NAG B . 2.93 13.70 12.29
O3 NAG B . 2.34 13.38 15.18
O4 NAG B . 2.38 10.24 15.57
O5 NAG B . 0.47 11.03 12.59
O6 NAG B . -1.11 9.78 14.40
O7 NAG B . 1.71 15.58 12.06
H2 NAG B . 1.06 13.57 13.18
H3 NAG B . 3.41 11.99 14.12
H4 NAG B . 0.75 11.47 15.37
H5 NAG B . 1.97 9.76 13.15
H61 NAG B . 0.54 8.62 14.88
H62 NAG B . -0.05 8.47 13.23
H81 NAG B . 4.13 16.54 12.83
H82 NAG B . 4.12 16.32 11.07
H83 NAG B . 4.93 15.12 12.11
HN2 NAG B . 3.77 13.23 11.97
HO3 NAG B . 2.01 14.19 14.75
HO6 NAG B . -1.05 10.75 14.28
C1 BMA B . 2.51 10.45 16.99
C2 BMA B . 2.44 9.12 17.76
C3 BMA B . 3.44 9.04 18.92
C4 BMA B . 3.51 10.38 19.65
C5 BMA B . 3.85 11.50 18.66
C6 BMA B . 2.94 12.73 18.74
O2 BMA B . 1.11 8.88 18.25
O3 BMA B . 3.08 8.01 19.86
O4 BMA B . 2.29 10.65 20.33
O5 BMA B . 3.78 11.02 17.31
O6 BMA B . 3.05 13.50 17.54
H1 BMA B . 1.71 11.11 17.35
H2 BMA B . 2.70 8.32 17.05
H3 BMA B . 4.43 8.82 18.50
H4 BMA B . 4.33 10.33 20.38
H5 BMA B . 4.87 11.83 18.86
H61 BMA B . 3.22 13.34 19.59
H62 BMA B . 1.90 12.41 18.88
HO2 BMA B . 1.07 8.01 18.65
HO3 BMA B . 3.76 7.93 20.54
HO4 BMA B . 2.37 11.47 20.85
HO6 BMA B . 2.41 14.24 17.56
C1 NAG C . -13.74 -11.45 -4.93
C2 NAG C . -13.16 -11.68 -6.32
C3 NAG C . -14.12 -12.66 -6.99
C4 NAG C . -14.42 -13.87 -6.12
C5 NAG C . -14.91 -13.43 -4.76
C6 NAG C . -15.11 -14.64 -3.87
C7 NAG C . -12.10 -9.89 -7.70
C8 NAG C . -12.32 -8.61 -8.47
N2 NAG C . -13.16 -10.47 -7.14
O3 NAG C . -13.49 -13.03 -8.21
O4 NAG C . -15.48 -14.66 -6.67
O5 NAG C . -13.87 -12.64 -4.21
O6 NAG C . -13.91 -15.40 -3.76
O7 NAG C . -10.95 -10.32 -7.62
H2 NAG C . -12.13 -12.01 -6.21
H3 NAG C . -15.04 -12.15 -7.21
H4 NAG C . -13.52 -14.48 -6.04
H5 NAG C . -15.88 -12.95 -4.89
H61 NAG C . -15.90 -15.27 -4.28
H62 NAG C . -15.43 -14.31 -2.87
H81 NAG C . -11.99 -8.76 -9.50
H82 NAG C . -11.73 -7.81 -8.01
H83 NAG C . -13.37 -8.35 -8.45
HN2 NAG C . -14.07 -10.04 -7.29
HO3 NAG C . -12.63 -12.56 -8.28
HO4 NAG C . -15.79 -14.25 -7.51
HO6 NAG C . -13.21 -14.97 -4.29
C1 NAG D . -17.87 -2.46 14.52
C2 NAG D . -18.75 -2.20 13.30
C3 NAG D . -20.05 -1.54 13.77
C4 NAG D . -20.64 -2.36 14.89
C5 NAG D . -19.66 -2.53 16.03
C6 NAG D . -20.21 -3.22 17.27
C7 NAG D . -17.85 -1.75 11.10
C8 NAG D . -17.25 -0.74 10.18
N2 NAG D . -18.10 -1.35 12.34
O3 NAG D . -20.94 -1.33 12.68
O4 NAG D . -21.81 -1.66 15.36
O5 NAG D . -18.53 -3.23 15.53
O6 NAG D . -20.63 -4.54 16.93
O7 NAG D . -18.06 -2.90 10.72
H2 NAG D . -18.96 -3.16 12.82
H3 NAG D . -19.80 -0.58 14.23
H4 NAG D . -20.95 -3.32 14.48
H5 NAG D . -19.31 -1.53 16.32
H61 NAG D . -21.05 -2.65 17.67
H62 NAG D . -19.44 -3.28 18.03
H81 NAG D . -17.92 -0.58 9.32
H82 NAG D . -16.28 -1.09 9.82
H83 NAG D . -17.12 0.20 10.71
HN2 NAG D . -17.79 -0.43 12.64
HO3 NAG D . -20.53 -1.66 11.85
HO4 NAG D . -21.93 -0.83 14.86
HO6 NAG D . -20.47 -4.69 15.99
C1 NAG E . 8.54 -29.52 1.77
C2 NAG E . 7.80 -28.98 3.01
C3 NAG E . 7.83 -30.03 4.12
C4 NAG E . 7.14 -31.28 3.65
C5 NAG E . 7.75 -31.71 2.32
C6 NAG E . 7.04 -32.99 1.84
C7 NAG E . 7.60 -26.60 3.57
C8 NAG E . 8.39 -25.35 3.82
N2 NAG E . 8.32 -27.74 3.54
O3 NAG E . 7.13 -29.56 5.25
O4 NAG E . 7.35 -32.29 4.61
O5 NAG E . 7.75 -30.64 1.37
O6 NAG E . 6.03 -32.77 0.88
O7 NAG E . 6.37 -26.49 3.41
H2 NAG E . 6.74 -28.83 2.75
H3 NAG E . 8.86 -30.21 4.39
H4 NAG E . 6.07 -31.08 3.56
H5 NAG E . 8.81 -31.95 2.48
H61 NAG E . 6.56 -33.47 2.69
H62 NAG E . 7.78 -33.68 1.44
H81 NAG E . 8.03 -24.86 4.72
H82 NAG E . 8.28 -24.67 2.97
H83 NAG E . 9.44 -25.60 3.94
HN2 NAG E . 9.26 -27.75 3.91
HO3 NAG E . 6.77 -28.67 5.08
HO4 NAG E . 7.89 -31.92 5.36
HO6 NAG E . 5.96 -31.81 0.68
C1 NAG F . -6.11 -12.29 -14.47
C2 NAG F . -5.93 -13.58 -15.26
C3 NAG F . -7.15 -14.50 -15.20
C4 NAG F . -7.85 -14.53 -13.86
C5 NAG F . -8.08 -13.12 -13.35
C6 NAG F . -8.78 -13.15 -11.99
C7 NAG F . -4.47 -13.36 -17.15
C8 NAG F . -4.26 -12.81 -18.53
N2 NAG F . -5.69 -13.27 -16.66
O3 NAG F . -6.75 -15.82 -15.56
O4 NAG F . -9.09 -15.18 -13.99
O5 NAG F . -6.79 -12.54 -13.25
O6 NAG F . -9.08 -11.85 -11.51
O7 NAG F . -3.56 -13.87 -16.51
H2 NAG F . -5.06 -14.11 -14.86
H3 NAG F . -7.89 -14.14 -15.92
H4 NAG F . -7.22 -15.08 -13.15
H5 NAG F . -8.73 -12.60 -14.06
H61 NAG F . -8.12 -13.62 -11.25
H62 NAG F . -9.68 -13.74 -12.05
H81 NAG F . -3.91 -13.60 -19.19
H82 NAG F . -3.52 -12.02 -18.49
H83 NAG F . -5.20 -12.40 -18.91
HN2 NAG F . -6.49 -13.21 -17.27
HO3 NAG F . -5.79 -15.82 -15.76
HO4 NAG F . -9.22 -15.46 -14.91
HO6 NAG F . -8.78 -11.18 -12.16
C1 GOL G . -15.64 -8.15 -6.13
O1 GOL G . -15.52 -8.33 -7.53
C2 GOL G . -15.35 -6.70 -5.68
O2 GOL G . -13.97 -6.39 -5.88
C3 GOL G . -15.83 -6.58 -4.22
O3 GOL G . -15.40 -5.44 -3.48
H11 GOL G . -14.94 -8.82 -5.62
H12 GOL G . -16.64 -8.43 -5.81
HO1 GOL G . -15.66 -9.28 -7.74
H2 GOL G . -15.96 -6.03 -6.29
HO2 GOL G . -13.80 -5.47 -5.60
H31 GOL G . -15.49 -7.47 -3.69
H32 GOL G . -16.91 -6.59 -4.22
HO3 GOL G . -14.53 -5.12 -3.83
C1 GOL H . -6.48 3.84 9.82
O1 GOL H . -7.40 2.80 9.54
C2 GOL H . -6.95 4.65 11.01
O2 GOL H . -7.62 5.84 10.59
C3 GOL H . -5.75 4.97 11.91
O3 GOL H . -5.49 3.91 12.82
H11 GOL H . -6.38 4.49 8.94
H12 GOL H . -5.50 3.40 10.03
HO1 GOL H . -7.12 2.33 8.73
H2 GOL H . -7.65 4.04 11.59
HO2 GOL H . -7.95 6.33 11.37
H31 GOL H . -5.96 5.89 12.48
H32 GOL H . -4.87 5.15 11.30
HO3 GOL H . -6.33 3.47 13.06
C1 GOL I . -19.35 12.82 -9.26
O1 GOL I . -20.64 13.27 -8.83
C2 GOL I . -19.44 11.94 -10.47
O2 GOL I . -19.09 10.62 -10.13
C3 GOL I . -18.59 12.52 -11.59
O3 GOL I . -18.80 13.91 -11.77
H11 GOL I . -18.88 12.26 -8.45
H12 GOL I . -18.73 13.68 -9.48
HO1 GOL I . -20.54 13.78 -7.99
H2 GOL I . -20.48 11.95 -10.81
HO2 GOL I . -19.19 10.05 -10.93
H31 GOL I . -18.82 11.99 -12.52
H32 GOL I . -17.54 12.34 -11.35
HO3 GOL I . -18.49 14.17 -12.66
C ACT J . 26.30 -9.69 2.60
O ACT J . 26.66 -8.62 3.22
OXT ACT J . 25.60 -10.51 3.20
CH3 ACT J . 26.67 -10.04 1.21
H1 ACT J . 26.24 -11.00 0.95
H2 ACT J . 27.76 -10.09 1.12
H3 ACT J . 26.29 -9.27 0.52
#